data_5D7X
#
_entry.id   5D7X
#
_cell.length_a   60.365
_cell.length_b   60.365
_cell.length_c   63.607
_cell.angle_alpha   90.00
_cell.angle_beta   90.00
_cell.angle_gamma   120.00
#
_symmetry.space_group_name_H-M   'P 32 2 1'
#
loop_
_entity.id
_entity.type
_entity.pdbx_description
1 polymer Peregrin
2 non-polymer 'NITRATE ION'
3 non-polymer 4-(1-acetyl-1H-indol-3-yl)-5-methyl-1,2-dihydro-3H-pyrazol-3-one
4 water water
#
_entity_poly.entity_id   1
_entity_poly.type   'polypeptide(L)'
_entity_poly.pdbx_seq_one_letter_code
;SMEMQLTPFLILLRKTLEQLQEKDTGNIFSEPVPLSEVPDYLDHIKKPMDFFTMKQNLEAYRYLNFDDFEEDFNLIVSNC
LKYNAKDTIFYRAAVRLREQGGAVLRQARRQAEKMG
;
_entity_poly.pdbx_strand_id   A
#
# COMPACT_ATOMS: atom_id res chain seq x y z
N SER A 1 -2.70 -19.47 12.02
CA SER A 1 -2.70 -20.58 12.97
C SER A 1 -1.32 -21.22 13.02
N MET A 2 -1.17 -22.21 13.89
CA MET A 2 0.14 -22.82 14.12
C MET A 2 0.67 -23.53 12.88
N GLU A 3 -0.21 -23.92 11.97
CA GLU A 3 0.20 -24.66 10.79
C GLU A 3 0.66 -23.76 9.65
N MET A 4 0.37 -22.47 9.75
CA MET A 4 0.58 -21.55 8.64
C MET A 4 2.05 -21.29 8.31
N GLN A 5 2.45 -21.58 7.07
CA GLN A 5 3.84 -21.43 6.64
C GLN A 5 4.20 -20.04 6.14
N LEU A 6 5.42 -19.62 6.43
CA LEU A 6 5.88 -18.29 6.09
C LEU A 6 6.06 -18.08 4.59
N THR A 7 6.77 -18.98 3.92
CA THR A 7 7.16 -18.72 2.54
CA THR A 7 7.16 -18.71 2.54
C THR A 7 5.97 -18.56 1.58
N PRO A 8 4.93 -19.43 1.68
CA PRO A 8 3.82 -19.16 0.74
C PRO A 8 3.10 -17.84 1.02
N PHE A 9 3.08 -17.44 2.29
CA PHE A 9 2.49 -16.16 2.65
C PHE A 9 3.27 -14.99 2.03
N LEU A 10 4.60 -15.04 2.13
CA LEU A 10 5.40 -13.98 1.53
C LEU A 10 5.29 -13.96 0.01
N ILE A 11 5.20 -15.13 -0.62
CA ILE A 11 5.03 -15.21 -2.06
C ILE A 11 3.71 -14.54 -2.44
N LEU A 12 2.66 -14.80 -1.66
CA LEU A 12 1.37 -14.15 -1.87
C LEU A 12 1.47 -12.63 -1.73
N LEU A 13 2.14 -12.16 -0.68
CA LEU A 13 2.26 -10.72 -0.51
C LEU A 13 3.05 -10.08 -1.65
N ARG A 14 4.10 -10.75 -2.15
CA ARG A 14 4.86 -10.20 -3.27
C ARG A 14 4.00 -10.04 -4.51
N LYS A 15 3.21 -11.07 -4.80
N LYS A 15 3.22 -11.06 -4.82
CA LYS A 15 2.31 -11.07 -5.95
CA LYS A 15 2.33 -11.01 -5.98
C LYS A 15 1.24 -9.99 -5.81
C LYS A 15 1.31 -9.89 -5.79
N THR A 16 0.74 -9.82 -4.59
CA THR A 16 -0.28 -8.82 -4.29
C THR A 16 0.29 -7.41 -4.43
N LEU A 17 1.49 -7.20 -3.90
CA LEU A 17 2.12 -5.89 -4.03
C LEU A 17 2.36 -5.54 -5.49
N GLU A 18 2.79 -6.49 -6.32
CA GLU A 18 2.94 -6.23 -7.74
C GLU A 18 1.61 -5.87 -8.38
N GLN A 19 0.54 -6.56 -8.02
CA GLN A 19 -0.78 -6.25 -8.56
C GLN A 19 -1.25 -4.84 -8.16
N LEU A 20 -0.93 -4.42 -6.94
CA LEU A 20 -1.28 -3.08 -6.49
C LEU A 20 -0.50 -2.01 -7.23
N GLN A 21 0.80 -2.22 -7.41
CA GLN A 21 1.62 -1.29 -8.17
C GLN A 21 1.10 -1.13 -9.60
N GLU A 22 0.56 -2.22 -10.17
CA GLU A 22 0.04 -2.15 -11.52
C GLU A 22 -1.18 -1.25 -11.61
N LYS A 23 -1.93 -1.11 -10.53
CA LYS A 23 -3.09 -0.23 -10.51
C LYS A 23 -2.69 1.25 -10.47
N ASP A 24 -1.53 1.51 -9.90
CA ASP A 24 -0.99 2.87 -9.82
C ASP A 24 -0.30 3.19 -11.13
N THR A 25 -1.08 3.50 -12.16
CA THR A 25 -0.51 3.63 -13.50
C THR A 25 0.31 4.90 -13.65
N GLY A 26 0.07 5.89 -12.81
CA GLY A 26 0.88 7.10 -12.80
C GLY A 26 2.19 6.94 -12.03
N ASN A 27 2.32 5.81 -11.35
CA ASN A 27 3.44 5.51 -10.43
C ASN A 27 3.67 6.60 -9.40
N ILE A 28 2.59 7.24 -8.95
CA ILE A 28 2.77 8.30 -7.97
C ILE A 28 2.91 7.75 -6.56
N PHE A 29 2.68 6.45 -6.39
CA PHE A 29 2.84 5.81 -5.08
C PHE A 29 4.02 4.85 -5.04
N SER A 30 4.85 4.86 -6.08
CA SER A 30 5.91 3.88 -6.21
CA SER A 30 5.93 3.89 -6.22
C SER A 30 7.12 4.15 -5.32
N GLU A 31 7.31 5.40 -4.92
CA GLU A 31 8.48 5.80 -4.14
C GLU A 31 8.01 6.83 -3.13
N PRO A 32 8.81 7.10 -2.09
CA PRO A 32 8.37 8.12 -1.12
C PRO A 32 8.08 9.47 -1.77
N VAL A 33 7.05 10.14 -1.27
CA VAL A 33 6.83 11.54 -1.61
C VAL A 33 8.12 12.30 -1.40
N PRO A 34 8.58 13.05 -2.41
CA PRO A 34 9.86 13.75 -2.31
C PRO A 34 9.76 14.94 -1.37
N LEU A 35 10.25 14.78 -0.14
CA LEU A 35 10.06 15.78 0.90
C LEU A 35 10.76 17.09 0.58
N SER A 36 11.80 17.02 -0.26
CA SER A 36 12.49 18.23 -0.70
C SER A 36 11.54 19.18 -1.43
N GLU A 37 10.55 18.61 -2.13
CA GLU A 37 9.61 19.42 -2.89
C GLU A 37 8.45 19.92 -2.04
N VAL A 38 8.15 19.20 -0.96
CA VAL A 38 7.03 19.57 -0.12
C VAL A 38 7.42 19.54 1.36
N PRO A 39 8.12 20.60 1.81
CA PRO A 39 8.59 20.67 3.20
C PRO A 39 7.45 20.77 4.20
N ASP A 40 6.23 20.99 3.74
CA ASP A 40 5.10 20.98 4.65
C ASP A 40 4.40 19.63 4.73
N TYR A 41 4.87 18.65 3.95
CA TYR A 41 4.20 17.35 3.90
C TYR A 41 4.09 16.72 5.29
N LEU A 42 5.19 16.75 6.05
CA LEU A 42 5.22 16.14 7.37
C LEU A 42 4.49 16.95 8.42
N ASP A 43 4.04 18.15 8.04
CA ASP A 43 3.19 18.95 8.93
C ASP A 43 1.85 18.26 9.16
N HIS A 44 1.31 17.56 8.18
N HIS A 44 1.35 17.64 8.09
CA HIS A 44 0.05 16.89 8.46
CA HIS A 44 0.03 17.01 8.06
C HIS A 44 -0.01 15.48 7.92
C HIS A 44 0.12 15.49 8.21
N ILE A 45 1.14 14.91 7.58
CA ILE A 45 1.24 13.47 7.40
C ILE A 45 2.21 12.86 8.42
N LYS A 46 1.67 12.07 9.34
CA LYS A 46 2.42 11.49 10.45
C LYS A 46 3.36 10.38 10.00
N LYS A 47 2.89 9.55 9.08
CA LYS A 47 3.70 8.42 8.61
C LYS A 47 3.57 8.25 7.11
N PRO A 48 4.51 8.80 6.36
CA PRO A 48 4.57 8.58 4.92
C PRO A 48 4.64 7.09 4.60
N MET A 49 4.09 6.70 3.45
CA MET A 49 4.21 5.32 3.02
C MET A 49 4.15 5.28 1.50
N ASP A 50 4.73 4.24 0.90
CA ASP A 50 4.79 4.09 -0.55
C ASP A 50 5.10 2.63 -0.86
N PHE A 51 4.98 2.23 -2.11
CA PHE A 51 5.14 0.81 -2.46
C PHE A 51 6.60 0.32 -2.35
N PHE A 52 7.58 1.17 -2.58
CA PHE A 52 8.97 0.75 -2.42
C PHE A 52 9.26 0.43 -0.95
N THR A 53 8.83 1.31 -0.07
CA THR A 53 8.97 1.07 1.35
C THR A 53 8.23 -0.19 1.75
N MET A 54 7.05 -0.43 1.18
CA MET A 54 6.34 -1.67 1.49
C MET A 54 7.12 -2.90 1.04
N LYS A 55 7.76 -2.83 -0.11
CA LYS A 55 8.57 -3.95 -0.58
C LYS A 55 9.72 -4.23 0.40
N GLN A 56 10.36 -3.17 0.88
N GLN A 56 10.37 -3.17 0.87
CA GLN A 56 11.45 -3.33 1.85
CA GLN A 56 11.46 -3.32 1.85
C GLN A 56 10.96 -3.97 3.13
C GLN A 56 10.94 -3.97 3.11
N ASN A 57 9.79 -3.52 3.60
CA ASN A 57 9.20 -4.06 4.80
C ASN A 57 8.85 -5.54 4.63
N LEU A 58 8.30 -5.88 3.47
CA LEU A 58 7.95 -7.25 3.14
C LEU A 58 9.18 -8.13 3.24
N GLU A 59 10.25 -7.72 2.59
CA GLU A 59 11.45 -8.54 2.55
C GLU A 59 12.18 -8.58 3.90
N ALA A 60 11.91 -7.60 4.77
CA ALA A 60 12.47 -7.60 6.13
C ALA A 60 11.60 -8.35 7.13
N TYR A 61 10.59 -9.06 6.61
CA TYR A 61 9.70 -9.89 7.44
C TYR A 61 8.90 -9.07 8.44
N ARG A 62 8.56 -7.84 8.07
CA ARG A 62 7.78 -7.01 8.97
C ARG A 62 6.28 -7.26 8.83
N TYR A 63 5.87 -7.92 7.75
CA TYR A 63 4.45 -8.24 7.52
C TYR A 63 4.24 -9.75 7.71
N LEU A 64 3.59 -10.13 8.80
CA LEU A 64 3.39 -11.54 9.12
C LEU A 64 1.92 -11.93 9.12
N ASN A 65 1.04 -10.97 8.89
CA ASN A 65 -0.38 -11.26 8.72
C ASN A 65 -0.92 -10.25 7.71
N PHE A 66 -2.11 -10.50 7.19
CA PHE A 66 -2.56 -9.67 6.10
C PHE A 66 -2.86 -8.24 6.58
N ASP A 67 -3.34 -8.08 7.81
CA ASP A 67 -3.58 -6.74 8.35
C ASP A 67 -2.32 -5.89 8.36
N ASP A 68 -1.16 -6.47 8.67
CA ASP A 68 0.12 -5.75 8.65
C ASP A 68 0.30 -5.07 7.30
N PHE A 69 0.09 -5.86 6.25
CA PHE A 69 0.29 -5.44 4.86
C PHE A 69 -0.76 -4.40 4.46
N GLU A 70 -2.03 -4.71 4.71
CA GLU A 70 -3.11 -3.83 4.27
C GLU A 70 -3.05 -2.48 5.02
N GLU A 71 -2.55 -2.48 6.25
CA GLU A 71 -2.41 -1.22 7.00
C GLU A 71 -1.51 -0.23 6.26
N ASP A 72 -0.40 -0.70 5.72
CA ASP A 72 0.49 0.22 5.00
C ASP A 72 -0.12 0.61 3.64
N PHE A 73 -0.82 -0.30 2.96
CA PHE A 73 -1.55 0.12 1.78
C PHE A 73 -2.54 1.24 2.13
N ASN A 74 -3.27 1.07 3.23
CA ASN A 74 -4.27 2.08 3.58
C ASN A 74 -3.64 3.42 3.90
N LEU A 75 -2.41 3.39 4.42
CA LEU A 75 -1.67 4.61 4.69
CA LEU A 75 -1.67 4.63 4.68
C LEU A 75 -1.34 5.35 3.39
N ILE A 76 -0.93 4.61 2.37
CA ILE A 76 -0.65 5.20 1.06
C ILE A 76 -1.88 5.97 0.58
N VAL A 77 -3.04 5.32 0.63
CA VAL A 77 -4.28 5.93 0.21
C VAL A 77 -4.67 7.12 1.08
N SER A 78 -4.72 6.94 2.39
CA SER A 78 -5.23 7.98 3.27
CA SER A 78 -5.22 7.98 3.27
C SER A 78 -4.31 9.20 3.31
N ASN A 79 -2.99 8.99 3.25
CA ASN A 79 -2.07 10.12 3.21
C ASN A 79 -2.35 10.99 2.00
N CYS A 80 -2.61 10.36 0.86
CA CYS A 80 -2.81 11.05 -0.39
C CYS A 80 -4.13 11.81 -0.42
N LEU A 81 -5.18 11.19 0.10
CA LEU A 81 -6.46 11.88 0.27
C LEU A 81 -6.33 13.07 1.22
N LYS A 82 -5.56 12.91 2.28
CA LYS A 82 -5.40 13.99 3.25
CA LYS A 82 -5.38 13.98 3.25
C LYS A 82 -4.60 15.16 2.68
N TYR A 83 -3.48 14.88 2.04
CA TYR A 83 -2.59 15.96 1.64
C TYR A 83 -3.10 16.75 0.45
N ASN A 84 -3.70 16.07 -0.52
CA ASN A 84 -4.06 16.68 -1.79
C ASN A 84 -5.50 17.15 -1.85
N ALA A 85 -5.73 18.29 -2.51
CA ALA A 85 -7.08 18.82 -2.66
C ALA A 85 -7.95 17.89 -3.49
N LYS A 86 -9.25 17.91 -3.25
CA LYS A 86 -10.18 17.04 -3.95
C LYS A 86 -10.20 17.25 -5.45
N ASP A 87 -9.83 18.45 -5.90
CA ASP A 87 -9.91 18.72 -7.33
C ASP A 87 -8.65 18.33 -8.10
N THR A 88 -7.75 17.58 -7.47
CA THR A 88 -6.51 17.16 -8.13
C THR A 88 -6.52 15.73 -8.66
N ILE A 89 -5.71 15.48 -9.68
CA ILE A 89 -5.47 14.13 -10.16
C ILE A 89 -4.94 13.25 -9.02
N PHE A 90 -4.03 13.76 -8.19
CA PHE A 90 -3.47 12.96 -7.11
C PHE A 90 -4.55 12.45 -6.14
N TYR A 91 -5.48 13.31 -5.76
CA TYR A 91 -6.57 12.88 -4.89
C TYR A 91 -7.38 11.77 -5.57
N ARG A 92 -7.77 11.97 -6.82
N ARG A 92 -7.75 11.99 -6.82
CA ARG A 92 -8.58 10.94 -7.48
CA ARG A 92 -8.57 11.01 -7.52
C ARG A 92 -7.82 9.66 -7.75
C ARG A 92 -7.82 9.68 -7.72
N ALA A 93 -6.50 9.74 -7.87
CA ALA A 93 -5.68 8.56 -8.03
C ALA A 93 -5.71 7.72 -6.76
N ALA A 94 -5.80 8.36 -5.59
CA ALA A 94 -5.93 7.61 -4.34
C ALA A 94 -7.30 6.96 -4.26
N VAL A 95 -8.34 7.66 -4.71
CA VAL A 95 -9.68 7.06 -4.75
C VAL A 95 -9.66 5.82 -5.67
N ARG A 96 -9.04 5.96 -6.84
CA ARG A 96 -8.99 4.87 -7.80
C ARG A 96 -8.21 3.70 -7.22
N LEU A 97 -7.10 3.98 -6.56
CA LEU A 97 -6.30 2.93 -5.96
C LEU A 97 -7.07 2.23 -4.82
N ARG A 98 -7.77 3.00 -4.00
CA ARG A 98 -8.60 2.41 -2.95
C ARG A 98 -9.60 1.42 -3.53
N GLU A 99 -10.26 1.81 -4.62
N GLU A 99 -10.30 1.83 -4.58
CA GLU A 99 -11.31 0.98 -5.20
CA GLU A 99 -11.29 0.95 -5.21
C GLU A 99 -10.76 -0.22 -5.99
C GLU A 99 -10.62 -0.26 -5.86
N GLN A 100 -9.77 0.02 -6.84
CA GLN A 100 -9.18 -1.09 -7.61
C GLN A 100 -8.23 -1.94 -6.76
N GLY A 101 -7.44 -1.29 -5.91
CA GLY A 101 -6.55 -2.02 -5.02
C GLY A 101 -7.33 -2.81 -3.98
N GLY A 102 -8.47 -2.27 -3.55
CA GLY A 102 -9.31 -2.97 -2.59
C GLY A 102 -9.75 -4.33 -3.11
N ALA A 103 -10.09 -4.41 -4.38
CA ALA A 103 -10.49 -5.69 -4.96
C ALA A 103 -9.32 -6.70 -4.96
N VAL A 104 -8.14 -6.22 -5.34
CA VAL A 104 -6.93 -7.02 -5.28
C VAL A 104 -6.70 -7.56 -3.85
N LEU A 105 -6.85 -6.68 -2.86
CA LEU A 105 -6.60 -7.02 -1.47
C LEU A 105 -7.61 -8.01 -0.93
N ARG A 106 -8.86 -7.89 -1.33
CA ARG A 106 -9.85 -8.81 -0.79
C ARG A 106 -9.62 -10.23 -1.29
N GLN A 107 -9.25 -10.37 -2.56
CA GLN A 107 -8.98 -11.70 -3.12
C GLN A 107 -7.71 -12.28 -2.47
N ALA A 108 -6.70 -11.44 -2.25
CA ALA A 108 -5.44 -11.92 -1.68
C ALA A 108 -5.66 -12.36 -0.23
N ARG A 109 -6.45 -11.60 0.52
CA ARG A 109 -6.72 -11.96 1.90
C ARG A 109 -7.41 -13.31 1.96
N ARG A 110 -8.34 -13.55 1.05
CA ARG A 110 -9.01 -14.85 0.97
C ARG A 110 -8.01 -15.99 0.72
N GLN A 111 -7.00 -15.74 -0.10
N GLN A 111 -6.99 -15.75 -0.09
CA GLN A 111 -5.94 -16.74 -0.31
CA GLN A 111 -5.97 -16.77 -0.31
C GLN A 111 -5.21 -17.01 0.99
C GLN A 111 -5.14 -17.00 0.96
N ALA A 112 -4.90 -15.95 1.73
CA ALA A 112 -4.17 -16.08 2.97
C ALA A 112 -4.98 -16.89 3.99
N GLU A 113 -6.28 -16.69 4.00
CA GLU A 113 -7.16 -17.40 4.91
C GLU A 113 -7.20 -18.90 4.64
N LYS A 114 -6.88 -19.30 3.40
CA LYS A 114 -6.84 -20.72 3.06
C LYS A 114 -5.57 -21.42 3.54
N MET A 115 -4.59 -20.62 3.98
CA MET A 115 -3.31 -21.14 4.42
C MET A 115 -3.34 -21.62 5.86
#